data_8GVJ
#
_entry.id   8GVJ
#
_cell.length_a   66.078
_cell.length_b   66.078
_cell.length_c   187.302
_cell.angle_alpha   90.000
_cell.angle_beta   90.000
_cell.angle_gamma   90.000
#
_symmetry.space_group_name_H-M   'P 41 21 2'
#
loop_
_entity.id
_entity.type
_entity.pdbx_description
1 polymer 'Hepatocyte growth factor receptor'
2 non-polymer (1^4Z,5^2E)-6^3-(trifluoromethyl)-5^1,5^6-dihydro-1^1H-8-aza-2(3,6)-quinolina-5(1,3)-pyridazina-1(4,1)-pyrazola-6(1,4)-benzenacyclododecaphane-5^6,7-dione
3 water water
#
_entity_poly.entity_id   1
_entity_poly.type   'polypeptide(L)'
_entity_poly.pdbx_seq_one_letter_code
;GDSDISSPLLQNTVHIDLSALNPELVQAVQHVVIGPSSLIVHFNEVIGRGHFGCVYHGTLLDNDGKKIHCAVKSLNRITD
IGEVSQFLTEGIIMKDFSHPNVLSLLGICLRSEGSPLVVLPYMKHGDLRNFIRNETHNPTVKDLIGFGLQVAKGMKYLAS
KKFVHRDLAARNCMLDEKFTVKVADFGLARDMYDKEYYSVHNKTGAKLPVKWMALESLQTQKFTTKSDVWSFGVLLWELM
TRGAPPYPDVNTFDITVYLLQGRRLLQPEYCPDPLYEVMLKCWHPKAEMRPSFSELVSRISAIFSTFIG
;
_entity_poly.pdbx_strand_id   A
#
loop_
_chem_comp.id
_chem_comp.type
_chem_comp.name
_chem_comp.formula
KGL non-polymer (1^4Z,5^2E)-6^3-(trifluoromethyl)-5^1,5^6-dihydro-1^1H-8-aza-2(3,6)-quinolina-5(1,3)-pyridazina-1(4,1)-pyrazola-6(1,4)-benzenacyclododecaphane-5^6,7-dione 'C30 H25 F3 N6 O2'
#
# COMPACT_ATOMS: atom_id res chain seq x y z
N PRO A 23 5.58 15.00 -24.87
CA PRO A 23 6.00 16.30 -25.40
C PRO A 23 6.78 17.15 -24.39
N GLU A 24 7.14 16.57 -23.24
CA GLU A 24 7.84 17.32 -22.20
C GLU A 24 9.10 16.61 -21.70
N LEU A 25 10.26 17.25 -21.85
CA LEU A 25 11.51 16.72 -21.31
C LEU A 25 11.84 15.26 -21.60
N VAL A 26 11.88 14.45 -20.55
CA VAL A 26 12.20 13.04 -20.71
C VAL A 26 11.02 12.22 -21.17
N GLN A 27 11.04 11.80 -22.42
CA GLN A 27 10.00 10.96 -22.91
C GLN A 27 10.57 9.59 -22.98
N ALA A 28 11.07 9.09 -21.86
CA ALA A 28 11.53 7.72 -21.82
C ALA A 28 10.40 6.94 -21.21
N VAL A 29 9.19 7.38 -21.47
CA VAL A 29 8.02 6.70 -20.99
C VAL A 29 7.52 5.88 -22.14
N GLN A 30 8.21 5.96 -23.27
CA GLN A 30 7.78 5.26 -24.46
C GLN A 30 7.92 3.79 -24.31
N HIS A 31 8.77 3.36 -23.41
CA HIS A 31 8.92 1.95 -23.18
C HIS A 31 7.68 1.35 -22.58
N VAL A 32 6.79 2.16 -22.04
CA VAL A 32 5.62 1.63 -21.35
C VAL A 32 4.34 2.26 -21.88
N VAL A 33 4.40 2.87 -23.06
CA VAL A 33 3.23 3.52 -23.64
C VAL A 33 2.31 2.47 -24.25
N ILE A 34 1.01 2.62 -24.00
CA ILE A 34 -0.01 1.73 -24.55
C ILE A 34 -0.87 2.54 -25.52
N GLY A 35 -1.08 1.98 -26.72
CA GLY A 35 -1.95 2.60 -27.69
C GLY A 35 -3.39 2.63 -27.22
N PRO A 36 -4.05 3.78 -27.38
CA PRO A 36 -5.43 3.89 -26.90
C PRO A 36 -6.38 2.91 -27.56
N SER A 37 -6.10 2.48 -28.79
CA SER A 37 -6.93 1.47 -29.43
C SER A 37 -6.70 0.08 -28.86
N SER A 38 -5.66 -0.11 -28.04
CA SER A 38 -5.39 -1.38 -27.39
C SER A 38 -5.88 -1.42 -25.94
N LEU A 39 -6.73 -0.47 -25.55
CA LEU A 39 -7.23 -0.39 -24.19
C LEU A 39 -8.70 0.02 -24.21
N ILE A 40 -9.52 -0.72 -23.45
CA ILE A 40 -10.93 -0.39 -23.27
C ILE A 40 -11.15 -0.15 -21.78
N VAL A 41 -11.62 1.05 -21.44
CA VAL A 41 -11.89 1.42 -20.06
C VAL A 41 -13.40 1.37 -19.84
N HIS A 42 -13.83 0.53 -18.90
CA HIS A 42 -15.26 0.39 -18.58
C HIS A 42 -15.60 1.42 -17.51
N PHE A 43 -15.90 2.63 -17.97
CA PHE A 43 -16.18 3.75 -17.07
C PHE A 43 -17.43 3.55 -16.23
N ASN A 44 -18.27 2.57 -16.57
CA ASN A 44 -19.48 2.31 -15.80
C ASN A 44 -19.22 1.57 -14.50
N GLU A 45 -18.03 0.98 -14.34
CA GLU A 45 -17.73 0.12 -13.20
C GLU A 45 -16.58 0.72 -12.40
N VAL A 46 -16.91 1.44 -11.33
CA VAL A 46 -15.91 2.02 -10.44
C VAL A 46 -15.56 0.99 -9.37
N ILE A 47 -14.27 0.72 -9.21
CA ILE A 47 -13.77 -0.22 -8.22
C ILE A 47 -12.88 0.46 -7.19
N GLY A 48 -12.75 1.78 -7.26
CA GLY A 48 -11.94 2.53 -6.32
C GLY A 48 -12.01 4.02 -6.58
N ARG A 49 -12.05 4.83 -5.51
CA ARG A 49 -12.17 6.27 -5.63
C ARG A 49 -11.05 6.94 -4.84
N GLY A 50 -10.05 7.45 -5.56
CA GLY A 50 -9.00 8.24 -4.95
C GLY A 50 -9.24 9.73 -5.11
N HIS A 51 -8.33 10.51 -4.54
CA HIS A 51 -8.45 11.96 -4.66
C HIS A 51 -8.06 12.44 -6.06
N PHE A 52 -7.10 11.78 -6.71
CA PHE A 52 -6.69 12.16 -8.05
C PHE A 52 -7.62 11.63 -9.13
N GLY A 53 -8.39 10.59 -8.84
CA GLY A 53 -9.26 10.01 -9.84
C GLY A 53 -9.75 8.66 -9.38
N CYS A 54 -10.60 8.07 -10.23
CA CYS A 54 -11.25 6.80 -9.92
C CYS A 54 -10.45 5.62 -10.47
N VAL A 55 -10.87 4.42 -10.09
CA VAL A 55 -10.32 3.17 -10.59
C VAL A 55 -11.43 2.43 -11.31
N TYR A 56 -11.14 1.98 -12.53
CA TYR A 56 -12.13 1.33 -13.38
C TYR A 56 -11.67 -0.06 -13.78
N HIS A 57 -12.65 -0.88 -14.16
CA HIS A 57 -12.35 -2.12 -14.86
C HIS A 57 -11.80 -1.79 -16.24
N GLY A 58 -11.03 -2.73 -16.79
CA GLY A 58 -10.42 -2.49 -18.08
C GLY A 58 -10.09 -3.78 -18.80
N THR A 59 -9.97 -3.67 -20.12
CA THR A 59 -9.54 -4.77 -20.98
C THR A 59 -8.36 -4.29 -21.81
N LEU A 60 -7.25 -5.02 -21.75
CA LEU A 60 -6.02 -4.64 -22.42
C LEU A 60 -5.60 -5.74 -23.38
N LEU A 61 -5.19 -5.34 -24.58
CA LEU A 61 -4.60 -6.26 -25.55
C LEU A 61 -3.09 -6.27 -25.33
N ASP A 62 -2.56 -7.41 -24.90
CA ASP A 62 -1.16 -7.53 -24.55
C ASP A 62 -0.27 -7.37 -25.78
N ASN A 63 1.05 -7.40 -25.56
CA ASN A 63 1.98 -7.32 -26.66
C ASN A 63 1.91 -8.56 -27.55
N ASP A 64 1.50 -9.71 -26.97
CA ASP A 64 1.36 -10.94 -27.74
C ASP A 64 -0.01 -11.10 -28.36
N GLY A 65 -0.95 -10.20 -28.07
CA GLY A 65 -2.26 -10.23 -28.71
C GLY A 65 -3.32 -11.00 -27.97
N LYS A 66 -3.19 -11.16 -26.65
CA LYS A 66 -4.17 -11.86 -25.85
C LYS A 66 -4.88 -10.90 -24.90
N LYS A 67 -6.08 -11.30 -24.48
CA LYS A 67 -6.85 -10.50 -23.55
C LYS A 67 -6.37 -10.71 -22.12
N ILE A 68 -6.51 -9.68 -21.31
CA ILE A 68 -6.29 -9.76 -19.87
C ILE A 68 -7.21 -8.77 -19.18
N HIS A 69 -7.63 -9.12 -17.97
CA HIS A 69 -8.23 -8.14 -17.09
C HIS A 69 -7.16 -7.16 -16.60
N CYS A 70 -7.58 -5.93 -16.34
CA CYS A 70 -6.67 -4.92 -15.80
C CYS A 70 -7.49 -3.89 -15.02
N ALA A 71 -6.79 -2.98 -14.38
CA ALA A 71 -7.41 -1.89 -13.63
C ALA A 71 -6.82 -0.58 -14.11
N VAL A 72 -7.69 0.35 -14.49
CA VAL A 72 -7.29 1.65 -15.02
C VAL A 72 -7.47 2.70 -13.93
N LYS A 73 -6.41 3.45 -13.66
CA LYS A 73 -6.44 4.54 -12.69
C LYS A 73 -6.33 5.86 -13.42
N SER A 74 -7.37 6.68 -13.31
CA SER A 74 -7.38 8.00 -13.93
C SER A 74 -6.77 9.03 -12.99
N LEU A 75 -6.03 9.98 -13.56
CA LEU A 75 -5.51 11.12 -12.85
C LEU A 75 -6.15 12.41 -13.36
N ASN A 76 -7.47 12.36 -13.58
CA ASN A 76 -8.17 13.47 -14.21
C ASN A 76 -8.26 14.69 -13.30
N ARG A 77 -8.19 14.49 -11.98
CA ARG A 77 -8.41 15.59 -11.04
C ARG A 77 -7.15 16.41 -10.76
N ILE A 78 -6.00 16.01 -11.28
CA ILE A 78 -4.79 16.81 -11.21
C ILE A 78 -4.59 17.41 -12.60
N THR A 79 -4.91 18.70 -12.73
CA THR A 79 -4.93 19.39 -14.01
C THR A 79 -3.90 20.53 -13.98
N ASP A 80 -2.66 20.19 -14.32
CA ASP A 80 -1.57 21.15 -14.41
C ASP A 80 -0.38 20.43 -15.05
N ILE A 81 0.07 20.92 -16.21
CA ILE A 81 1.12 20.23 -16.95
C ILE A 81 2.36 20.05 -16.08
N GLY A 82 2.68 21.04 -15.25
CA GLY A 82 3.82 20.90 -14.36
C GLY A 82 3.55 19.96 -13.21
N GLU A 83 2.37 20.05 -12.60
CA GLU A 83 2.04 19.16 -11.50
C GLU A 83 1.89 17.72 -11.96
N VAL A 84 1.51 17.50 -13.22
CA VAL A 84 1.38 16.15 -13.75
C VAL A 84 2.75 15.58 -14.12
N SER A 85 3.62 16.41 -14.71
CA SER A 85 4.96 15.94 -15.06
C SER A 85 5.77 15.60 -13.82
N GLN A 86 5.54 16.29 -12.72
CA GLN A 86 6.22 15.95 -11.47
C GLN A 86 5.74 14.63 -10.91
N PHE A 87 4.43 14.35 -11.03
CA PHE A 87 3.89 13.09 -10.54
C PHE A 87 4.34 11.92 -11.40
N LEU A 88 4.42 12.12 -12.71
CA LEU A 88 4.82 11.03 -13.60
C LEU A 88 6.29 10.66 -13.41
N THR A 89 7.16 11.67 -13.27
CA THR A 89 8.58 11.39 -13.08
C THR A 89 8.84 10.76 -11.73
N GLU A 90 7.98 11.04 -10.73
CA GLU A 90 8.18 10.45 -9.41
C GLU A 90 7.79 8.97 -9.39
N GLY A 91 6.77 8.60 -10.16
CA GLY A 91 6.22 7.26 -10.09
C GLY A 91 6.67 6.32 -11.20
N ILE A 92 7.39 6.85 -12.19
CA ILE A 92 7.85 6.00 -13.29
C ILE A 92 8.91 5.01 -12.87
N ILE A 93 9.46 5.16 -11.66
CA ILE A 93 10.46 4.22 -11.16
C ILE A 93 9.88 2.83 -10.97
N MET A 94 8.56 2.71 -10.81
CA MET A 94 7.95 1.43 -10.48
C MET A 94 8.02 0.43 -11.64
N LYS A 95 8.29 0.89 -12.86
CA LYS A 95 8.40 -0.04 -13.98
C LYS A 95 9.64 -0.93 -13.83
N ASP A 96 10.66 -0.47 -13.11
CA ASP A 96 11.89 -1.21 -12.92
C ASP A 96 11.83 -2.19 -11.75
N PHE A 97 10.77 -2.13 -10.94
CA PHE A 97 10.62 -3.07 -9.83
C PHE A 97 9.98 -4.36 -10.31
N SER A 98 10.47 -5.48 -9.77
CA SER A 98 9.94 -6.80 -10.12
C SER A 98 9.99 -7.69 -8.89
N HIS A 99 8.82 -8.03 -8.34
CA HIS A 99 8.74 -8.90 -7.18
C HIS A 99 7.32 -9.42 -7.07
N PRO A 100 7.13 -10.70 -6.73
CA PRO A 100 5.76 -11.25 -6.68
C PRO A 100 4.86 -10.58 -5.66
N ASN A 101 5.43 -9.94 -4.62
CA ASN A 101 4.65 -9.30 -3.58
C ASN A 101 4.63 -7.78 -3.73
N VAL A 102 4.93 -7.26 -4.91
CA VAL A 102 4.90 -5.83 -5.20
C VAL A 102 4.11 -5.61 -6.48
N LEU A 103 3.18 -4.66 -6.44
CA LEU A 103 2.34 -4.39 -7.60
C LEU A 103 3.19 -3.79 -8.73
N SER A 104 3.07 -4.38 -9.92
CA SER A 104 3.83 -3.95 -11.08
C SER A 104 3.00 -3.01 -11.95
N LEU A 105 3.69 -2.34 -12.87
CA LEU A 105 3.07 -1.42 -13.81
C LEU A 105 2.89 -2.12 -15.15
N LEU A 106 1.65 -2.11 -15.65
CA LEU A 106 1.41 -2.66 -16.99
C LEU A 106 1.73 -1.64 -18.08
N GLY A 107 1.67 -0.37 -17.76
CA GLY A 107 1.89 0.68 -18.73
C GLY A 107 0.94 1.84 -18.49
N ILE A 108 1.16 2.91 -19.23
CA ILE A 108 0.30 4.09 -19.17
C ILE A 108 -0.17 4.43 -20.58
N CYS A 109 -1.40 4.93 -20.67
CA CYS A 109 -2.03 5.27 -21.94
C CYS A 109 -2.29 6.77 -21.95
N LEU A 110 -1.70 7.47 -22.91
CA LEU A 110 -1.81 8.92 -23.04
C LEU A 110 -2.66 9.22 -24.27
N ARG A 111 -3.77 9.92 -24.06
CA ARG A 111 -4.69 10.29 -25.14
C ARG A 111 -4.77 11.80 -25.24
N SER A 112 -5.39 12.29 -26.30
CA SER A 112 -5.48 13.73 -26.51
C SER A 112 -6.68 14.31 -25.81
N GLU A 113 -7.39 13.48 -25.07
CA GLU A 113 -8.59 13.94 -24.40
C GLU A 113 -8.03 13.84 -23.01
N GLY A 114 -7.42 14.91 -22.55
CA GLY A 114 -6.84 14.90 -21.23
C GLY A 114 -5.75 14.23 -20.42
N SER A 115 -6.10 13.66 -19.28
CA SER A 115 -5.09 13.11 -18.40
C SER A 115 -4.56 11.76 -18.75
N PRO A 116 -3.41 11.41 -18.19
CA PRO A 116 -2.89 10.08 -18.42
C PRO A 116 -3.58 8.97 -17.62
N LEU A 117 -3.62 7.77 -18.18
CA LEU A 117 -4.24 6.65 -17.49
C LEU A 117 -3.17 5.62 -17.12
N VAL A 118 -3.28 5.08 -15.91
CA VAL A 118 -2.33 4.10 -15.39
C VAL A 118 -2.98 2.72 -15.44
N VAL A 119 -2.35 1.80 -16.16
CA VAL A 119 -2.87 0.45 -16.32
C VAL A 119 -2.13 -0.48 -15.37
N LEU A 120 -2.89 -1.21 -14.56
CA LEU A 120 -2.33 -2.09 -13.54
C LEU A 120 -3.01 -3.45 -13.61
N PRO A 121 -2.33 -4.51 -13.16
CA PRO A 121 -2.96 -5.83 -13.15
C PRO A 121 -4.16 -5.88 -12.21
N TYR A 122 -5.17 -6.64 -12.62
CA TYR A 122 -6.39 -6.74 -11.85
C TYR A 122 -6.22 -7.69 -10.66
N MET A 123 -6.76 -7.28 -9.52
CA MET A 123 -6.66 -8.04 -8.28
C MET A 123 -8.07 -8.51 -7.92
N LYS A 124 -8.28 -9.84 -7.92
CA LYS A 124 -9.63 -10.38 -7.84
C LYS A 124 -10.31 -10.04 -6.52
N HIS A 125 -9.55 -9.88 -5.44
CA HIS A 125 -10.12 -9.72 -4.11
C HIS A 125 -9.92 -8.32 -3.54
N GLY A 126 -9.47 -7.37 -4.34
CA GLY A 126 -9.36 -5.99 -3.88
C GLY A 126 -8.33 -5.81 -2.78
N ASP A 127 -8.59 -4.84 -1.92
CA ASP A 127 -7.66 -4.52 -0.84
C ASP A 127 -7.68 -5.61 0.23
N LEU A 128 -6.56 -5.74 0.94
CA LEU A 128 -6.43 -6.78 1.95
C LEU A 128 -7.42 -6.60 3.09
N ARG A 129 -7.64 -5.34 3.51
CA ARG A 129 -8.47 -5.11 4.70
C ARG A 129 -9.93 -5.44 4.44
N ASN A 130 -10.47 -5.05 3.28
CA ASN A 130 -11.86 -5.35 2.99
C ASN A 130 -12.11 -6.85 2.86
N PHE A 131 -11.10 -7.60 2.39
CA PHE A 131 -11.29 -9.04 2.22
C PHE A 131 -11.41 -9.75 3.56
N ILE A 132 -10.65 -9.32 4.56
CA ILE A 132 -10.70 -9.95 5.87
C ILE A 132 -11.81 -9.40 6.75
N ARG A 133 -12.28 -8.17 6.50
CA ARG A 133 -13.43 -7.65 7.23
C ARG A 133 -14.73 -8.32 6.76
N ASN A 134 -14.73 -8.93 5.58
CA ASN A 134 -15.93 -9.54 5.03
C ASN A 134 -16.33 -10.76 5.86
N GLU A 135 -17.57 -10.77 6.35
CA GLU A 135 -18.05 -11.85 7.21
C GLU A 135 -18.35 -13.13 6.46
N THR A 136 -18.42 -13.10 5.13
CA THR A 136 -18.65 -14.30 4.34
C THR A 136 -17.36 -14.99 3.93
N HIS A 137 -16.22 -14.51 4.42
CA HIS A 137 -14.91 -15.12 4.14
C HIS A 137 -14.38 -15.76 5.41
N ASN A 138 -13.71 -16.90 5.25
CA ASN A 138 -13.22 -17.69 6.38
C ASN A 138 -11.72 -17.93 6.26
N PRO A 139 -10.90 -16.90 6.43
CA PRO A 139 -9.46 -17.12 6.50
C PRO A 139 -9.07 -17.68 7.86
N THR A 140 -8.21 -18.69 7.84
CA THR A 140 -7.74 -19.27 9.09
C THR A 140 -6.63 -18.42 9.69
N VAL A 141 -6.27 -18.73 10.93
CA VAL A 141 -5.19 -18.00 11.59
C VAL A 141 -3.89 -18.16 10.81
N LYS A 142 -3.69 -19.33 10.19
CA LYS A 142 -2.51 -19.53 9.35
C LYS A 142 -2.58 -18.67 8.10
N ASP A 143 -3.78 -18.49 7.54
CA ASP A 143 -3.94 -17.61 6.39
C ASP A 143 -3.49 -16.20 6.70
N LEU A 144 -3.93 -15.66 7.84
CA LEU A 144 -3.61 -14.28 8.19
C LEU A 144 -2.13 -14.10 8.46
N ILE A 145 -1.50 -15.08 9.13
CA ILE A 145 -0.06 -15.01 9.34
C ILE A 145 0.67 -15.09 8.01
N GLY A 146 0.16 -15.90 7.08
CA GLY A 146 0.77 -15.99 5.77
C GLY A 146 0.67 -14.71 4.97
N PHE A 147 -0.43 -13.97 5.14
CA PHE A 147 -0.55 -12.67 4.48
C PHE A 147 0.52 -11.71 4.98
N GLY A 148 0.69 -11.62 6.29
CA GLY A 148 1.70 -10.74 6.85
C GLY A 148 3.10 -11.11 6.43
N LEU A 149 3.37 -12.40 6.24
CA LEU A 149 4.67 -12.83 5.75
C LEU A 149 4.89 -12.37 4.31
N GLN A 150 3.84 -12.43 3.48
CA GLN A 150 3.96 -11.96 2.11
C GLN A 150 4.23 -10.46 2.06
N VAL A 151 3.59 -9.69 2.96
CA VAL A 151 3.82 -8.26 3.01
C VAL A 151 5.26 -7.96 3.42
N ALA A 152 5.78 -8.72 4.38
CA ALA A 152 7.16 -8.51 4.83
C ALA A 152 8.15 -8.79 3.70
N LYS A 153 7.86 -9.79 2.87
CA LYS A 153 8.75 -10.09 1.74
C LYS A 153 8.71 -8.97 0.70
N GLY A 154 7.53 -8.37 0.50
CA GLY A 154 7.44 -7.26 -0.44
C GLY A 154 8.18 -6.02 0.06
N MET A 155 8.05 -5.73 1.36
CA MET A 155 8.76 -4.59 1.93
C MET A 155 10.27 -4.83 1.98
N LYS A 156 10.69 -6.09 2.09
CA LYS A 156 12.12 -6.38 2.07
C LYS A 156 12.72 -6.05 0.70
N TYR A 157 11.94 -6.27 -0.37
CA TYR A 157 12.42 -5.91 -1.71
C TYR A 157 12.52 -4.40 -1.85
N LEU A 158 11.48 -3.67 -1.43
CA LEU A 158 11.48 -2.22 -1.58
C LEU A 158 12.56 -1.57 -0.71
N ALA A 159 12.93 -2.21 0.40
CA ALA A 159 13.96 -1.66 1.26
C ALA A 159 15.35 -1.83 0.66
N SER A 160 15.59 -2.93 -0.07
CA SER A 160 16.90 -3.15 -0.67
C SER A 160 17.14 -2.19 -1.83
N LYS A 161 16.08 -1.72 -2.48
CA LYS A 161 16.19 -0.73 -3.54
C LYS A 161 16.17 0.70 -2.99
N LYS A 162 16.24 0.86 -1.67
CA LYS A 162 16.28 2.17 -1.01
C LYS A 162 15.01 2.98 -1.30
N PHE A 163 13.85 2.33 -1.11
CA PHE A 163 12.56 2.95 -1.37
C PHE A 163 11.74 2.96 -0.09
N VAL A 164 11.37 4.16 0.36
CA VAL A 164 10.53 4.35 1.54
C VAL A 164 9.09 4.52 1.10
N HIS A 165 8.18 3.70 1.59
CA HIS A 165 6.79 3.72 1.17
C HIS A 165 5.99 4.85 1.72
N ARG A 166 5.99 5.06 3.03
CA ARG A 166 5.26 6.14 3.75
C ARG A 166 3.81 5.93 4.11
N ASP A 167 3.18 4.90 3.58
CA ASP A 167 1.76 4.66 3.83
C ASP A 167 1.46 3.18 3.78
N LEU A 168 2.07 2.43 4.67
CA LEU A 168 1.84 0.98 4.67
C LEU A 168 0.66 0.65 5.58
N ALA A 169 -0.36 0.01 5.02
CA ALA A 169 -1.54 -0.36 5.76
C ALA A 169 -2.27 -1.47 5.01
N ALA A 170 -3.22 -2.11 5.71
CA ALA A 170 -3.97 -3.20 5.10
C ALA A 170 -4.83 -2.72 3.95
N ARG A 171 -5.30 -1.47 4.00
CA ARG A 171 -6.09 -0.91 2.92
C ARG A 171 -5.27 -0.62 1.67
N ASN A 172 -3.95 -0.67 1.76
CA ASN A 172 -3.07 -0.35 0.64
C ASN A 172 -2.37 -1.58 0.07
N CYS A 173 -2.86 -2.77 0.37
CA CYS A 173 -2.28 -4.02 -0.12
C CYS A 173 -3.37 -4.82 -0.83
N MET A 174 -3.03 -5.34 -2.01
CA MET A 174 -4.00 -6.01 -2.86
C MET A 174 -3.86 -7.53 -2.76
N LEU A 175 -4.89 -8.23 -3.24
CA LEU A 175 -4.98 -9.68 -3.15
C LEU A 175 -5.51 -10.21 -4.47
N ASP A 176 -4.69 -11.00 -5.17
CA ASP A 176 -5.06 -11.47 -6.50
C ASP A 176 -5.75 -12.83 -6.43
N GLU A 177 -5.90 -13.47 -7.60
CA GLU A 177 -6.68 -14.70 -7.69
C GLU A 177 -6.04 -15.84 -6.93
N LYS A 178 -4.71 -15.92 -6.94
CA LYS A 178 -3.97 -17.01 -6.32
C LYS A 178 -3.63 -16.73 -4.85
N PHE A 179 -4.37 -15.84 -4.20
CA PHE A 179 -4.12 -15.47 -2.80
C PHE A 179 -2.73 -14.87 -2.62
N THR A 180 -2.22 -14.18 -3.63
CA THR A 180 -0.93 -13.50 -3.55
C THR A 180 -1.17 -12.04 -3.15
N VAL A 181 -0.42 -11.58 -2.16
CA VAL A 181 -0.54 -10.21 -1.66
C VAL A 181 0.46 -9.33 -2.39
N LYS A 182 -0.02 -8.20 -2.91
CA LYS A 182 0.82 -7.21 -3.58
C LYS A 182 0.83 -5.93 -2.75
N VAL A 183 2.03 -5.52 -2.31
CA VAL A 183 2.17 -4.20 -1.70
C VAL A 183 1.89 -3.16 -2.77
N ALA A 184 0.89 -2.32 -2.52
CA ALA A 184 0.47 -1.34 -3.52
C ALA A 184 0.51 0.08 -2.97
N ASP A 185 -0.22 0.98 -3.61
CA ASP A 185 -0.30 2.39 -3.22
C ASP A 185 1.09 3.03 -3.16
N PHE A 186 1.78 2.98 -4.31
CA PHE A 186 3.06 3.65 -4.45
C PHE A 186 3.30 3.96 -5.92
N GLY A 187 4.22 4.86 -6.17
CA GLY A 187 4.53 5.24 -7.54
C GLY A 187 3.34 5.91 -8.19
N LEU A 188 3.00 5.47 -9.40
CA LEU A 188 1.88 6.04 -10.14
C LEU A 188 0.53 5.62 -9.58
N ALA A 189 0.50 4.73 -8.58
CA ALA A 189 -0.72 4.30 -7.94
C ALA A 189 -0.94 4.96 -6.58
N ARG A 190 -0.08 5.92 -6.21
CA ARG A 190 -0.21 6.57 -4.91
C ARG A 190 -1.42 7.49 -4.88
N ASP A 191 -2.25 7.34 -3.86
CA ASP A 191 -3.44 8.15 -3.70
C ASP A 191 -4.02 7.92 -2.31
N MET A 192 -5.03 8.71 -1.98
CA MET A 192 -5.86 8.49 -0.79
C MET A 192 -7.08 7.70 -1.21
N TYR A 193 -7.16 6.44 -0.82
CA TYR A 193 -8.29 5.60 -1.19
C TYR A 193 -9.33 5.48 -0.07
N ASP A 194 -9.06 6.03 1.10
CA ASP A 194 -10.03 6.04 2.20
C ASP A 194 -9.73 7.29 3.04
N LYS A 195 -10.53 8.35 2.81
CA LYS A 195 -10.25 9.65 3.41
C LYS A 195 -10.39 9.65 4.93
N GLU A 196 -11.05 8.65 5.50
CA GLU A 196 -11.42 8.70 6.92
C GLU A 196 -10.19 8.76 7.82
N TYR A 197 -9.10 8.10 7.44
CA TYR A 197 -7.97 7.87 8.34
C TYR A 197 -6.80 8.81 8.08
N TYR A 198 -6.99 9.86 7.28
CA TYR A 198 -5.91 10.78 6.92
C TYR A 198 -6.21 12.17 7.42
N SER A 199 -5.16 12.87 7.84
CA SER A 199 -5.22 14.29 8.18
C SER A 199 -4.42 15.07 7.15
N VAL A 200 -5.00 16.11 6.60
CA VAL A 200 -4.34 16.96 5.61
C VAL A 200 -3.66 18.11 6.36
N HIS A 201 -2.34 18.18 6.25
CA HIS A 201 -1.58 19.16 7.03
C HIS A 201 -1.79 20.57 6.50
N ASN A 202 -1.97 21.50 7.44
CA ASN A 202 -1.88 22.91 7.10
C ASN A 202 -0.43 23.24 6.76
N LYS A 203 -0.25 24.10 5.74
CA LYS A 203 1.04 24.54 5.19
C LYS A 203 1.99 23.68 4.38
N THR A 204 1.79 22.36 4.37
CA THR A 204 2.75 21.48 3.69
C THR A 204 1.77 20.83 2.74
N GLY A 205 0.53 20.59 3.18
CA GLY A 205 -0.43 19.86 2.38
C GLY A 205 -0.24 18.36 2.39
N ALA A 206 0.61 17.84 3.26
CA ALA A 206 0.87 16.41 3.30
C ALA A 206 -0.33 15.65 3.86
N LYS A 207 -0.47 14.40 3.43
CA LYS A 207 -1.57 13.54 3.82
C LYS A 207 -1.04 12.52 4.82
N LEU A 208 -1.49 12.62 6.07
CA LEU A 208 -0.87 11.90 7.17
C LEU A 208 -1.82 10.84 7.74
N PRO A 209 -1.51 9.55 7.61
CA PRO A 209 -2.33 8.53 8.28
C PRO A 209 -1.94 8.40 9.74
N VAL A 210 -2.67 9.12 10.60
CA VAL A 210 -2.20 9.39 11.96
C VAL A 210 -1.95 8.10 12.73
N LYS A 211 -2.93 7.21 12.75
CA LYS A 211 -2.85 6.03 13.61
C LYS A 211 -2.02 4.90 12.99
N TRP A 212 -1.26 5.19 11.93
CA TRP A 212 -0.32 4.24 11.36
C TRP A 212 1.12 4.77 11.39
N MET A 213 1.34 5.96 11.92
CA MET A 213 2.61 6.65 11.82
C MET A 213 3.48 6.40 13.05
N ALA A 214 4.77 6.25 12.83
CA ALA A 214 5.72 6.12 13.93
C ALA A 214 5.70 7.38 14.79
N LEU A 215 6.14 7.22 16.05
CA LEU A 215 6.11 8.34 16.99
C LEU A 215 6.96 9.50 16.50
N GLU A 216 8.15 9.20 15.97
CA GLU A 216 9.02 10.26 15.46
C GLU A 216 8.46 10.93 14.21
N SER A 217 7.55 10.27 13.50
CA SER A 217 6.95 10.87 12.32
C SER A 217 5.82 11.82 12.68
N LEU A 218 5.11 11.56 13.77
CA LEU A 218 4.09 12.49 14.24
C LEU A 218 4.71 13.78 14.75
N GLN A 219 5.98 13.76 15.14
CA GLN A 219 6.64 14.93 15.69
C GLN A 219 7.39 15.75 14.65
N THR A 220 7.93 15.10 13.61
CA THR A 220 8.77 15.79 12.63
C THR A 220 8.26 15.68 11.19
N GLN A 221 7.29 14.81 10.92
CA GLN A 221 6.76 14.60 9.56
C GLN A 221 7.85 14.12 8.59
N LYS A 222 8.86 13.45 9.10
CA LYS A 222 9.87 12.79 8.28
C LYS A 222 9.61 11.28 8.28
N PHE A 223 10.02 10.62 7.20
CA PHE A 223 9.70 9.21 7.01
C PHE A 223 10.95 8.45 6.56
N THR A 224 11.15 7.29 7.18
CA THR A 224 12.27 6.39 6.86
C THR A 224 11.74 4.97 6.76
N THR A 225 12.64 4.04 6.41
CA THR A 225 12.28 2.63 6.42
C THR A 225 11.96 2.13 7.82
N LYS A 226 12.59 2.72 8.84
CA LYS A 226 12.26 2.35 10.21
C LYS A 226 10.85 2.76 10.59
N SER A 227 10.35 3.87 10.03
CA SER A 227 8.94 4.23 10.23
C SER A 227 8.03 3.31 9.42
N ASP A 228 8.51 2.80 8.29
CA ASP A 228 7.77 1.76 7.58
C ASP A 228 7.62 0.52 8.45
N VAL A 229 8.64 0.20 9.25
CA VAL A 229 8.57 -0.96 10.13
C VAL A 229 7.51 -0.76 11.21
N TRP A 230 7.40 0.45 11.74
CA TRP A 230 6.33 0.76 12.69
C TRP A 230 4.96 0.51 12.05
N SER A 231 4.76 1.03 10.85
CA SER A 231 3.49 0.82 10.15
C SER A 231 3.23 -0.67 9.91
N PHE A 232 4.29 -1.44 9.64
CA PHE A 232 4.13 -2.86 9.40
C PHE A 232 3.58 -3.56 10.64
N GLY A 233 4.01 -3.14 11.83
CA GLY A 233 3.46 -3.71 13.05
C GLY A 233 1.97 -3.44 13.20
N VAL A 234 1.54 -2.23 12.84
CA VAL A 234 0.12 -1.91 12.87
C VAL A 234 -0.64 -2.76 11.86
N LEU A 235 -0.01 -3.03 10.71
CA LEU A 235 -0.62 -3.90 9.72
C LEU A 235 -0.80 -5.32 10.26
N LEU A 236 0.18 -5.80 11.03
CA LEU A 236 0.05 -7.12 11.64
C LEU A 236 -1.11 -7.15 12.62
N TRP A 237 -1.26 -6.10 13.43
CA TRP A 237 -2.39 -5.99 14.33
C TRP A 237 -3.71 -5.99 13.57
N GLU A 238 -3.74 -5.32 12.41
CA GLU A 238 -4.93 -5.34 11.57
C GLU A 238 -5.30 -6.76 11.16
N LEU A 239 -4.30 -7.56 10.78
CA LEU A 239 -4.57 -8.90 10.27
C LEU A 239 -5.12 -9.81 11.36
N MET A 240 -4.50 -9.79 12.54
CA MET A 240 -4.91 -10.68 13.62
C MET A 240 -6.26 -10.31 14.20
N THR A 241 -6.75 -9.10 13.95
CA THR A 241 -8.09 -8.69 14.37
C THR A 241 -9.09 -8.73 13.23
N ARG A 242 -8.65 -9.12 12.03
CA ARG A 242 -9.51 -9.18 10.84
C ARG A 242 -10.15 -7.83 10.54
N GLY A 243 -9.33 -6.78 10.50
CA GLY A 243 -9.76 -5.50 10.02
C GLY A 243 -10.32 -4.53 11.05
N ALA A 244 -9.94 -4.68 12.32
CA ALA A 244 -10.39 -3.74 13.33
C ALA A 244 -9.62 -2.42 13.19
N PRO A 245 -10.27 -1.29 13.50
CA PRO A 245 -9.57 0.00 13.42
C PRO A 245 -8.69 0.22 14.63
N PRO A 246 -7.44 0.64 14.42
CA PRO A 246 -6.52 0.81 15.55
C PRO A 246 -6.91 1.96 16.46
N TYR A 247 -6.62 1.78 17.75
CA TYR A 247 -6.91 2.72 18.83
C TYR A 247 -8.31 3.30 18.73
N PRO A 248 -9.37 2.50 18.96
CA PRO A 248 -10.73 3.03 18.83
C PRO A 248 -11.12 4.00 19.94
N ASP A 249 -10.38 4.01 21.06
CA ASP A 249 -10.75 4.82 22.22
C ASP A 249 -9.77 5.96 22.47
N VAL A 250 -8.96 6.32 21.49
CA VAL A 250 -8.01 7.42 21.60
C VAL A 250 -8.21 8.34 20.41
N ASN A 251 -8.43 9.63 20.68
CA ASN A 251 -8.62 10.58 19.58
C ASN A 251 -7.27 11.00 19.00
N THR A 252 -7.33 11.70 17.87
CA THR A 252 -6.12 11.99 17.09
C THR A 252 -5.20 12.99 17.77
N PHE A 253 -5.64 13.68 18.82
CA PHE A 253 -4.74 14.54 19.56
C PHE A 253 -3.99 13.78 20.65
N ASP A 254 -4.68 12.91 21.39
CA ASP A 254 -4.06 12.16 22.47
C ASP A 254 -3.16 11.04 21.98
N ILE A 255 -3.12 10.76 20.68
CA ILE A 255 -2.38 9.61 20.17
C ILE A 255 -0.88 9.75 20.44
N THR A 256 -0.37 10.98 20.46
CA THR A 256 1.06 11.17 20.64
C THR A 256 1.49 11.06 22.10
N VAL A 257 0.66 11.54 23.03
CA VAL A 257 0.97 11.38 24.45
C VAL A 257 0.75 9.94 24.89
N TYR A 258 -0.28 9.29 24.33
CA TYR A 258 -0.49 7.86 24.57
C TYR A 258 0.74 7.05 24.20
N LEU A 259 1.39 7.40 23.10
CA LEU A 259 2.58 6.67 22.65
C LEU A 259 3.80 7.07 23.49
N LEU A 260 3.89 8.33 23.91
CA LEU A 260 5.02 8.76 24.72
C LEU A 260 5.02 8.09 26.09
N GLN A 261 3.85 7.68 26.56
CA GLN A 261 3.74 7.00 27.85
C GLN A 261 4.15 5.53 27.78
N GLY A 262 4.57 5.05 26.62
CA GLY A 262 4.90 3.65 26.44
C GLY A 262 3.72 2.74 26.14
N ARG A 263 2.50 3.26 26.16
CA ARG A 263 1.34 2.45 25.85
C ARG A 263 1.30 2.11 24.37
N ARG A 264 0.80 0.90 24.06
CA ARG A 264 0.78 0.38 22.71
C ARG A 264 -0.54 -0.33 22.47
N LEU A 265 -0.70 -0.87 21.26
CA LEU A 265 -1.88 -1.65 20.95
C LEU A 265 -1.85 -2.98 21.70
N LEU A 266 -3.00 -3.40 22.21
CA LEU A 266 -3.09 -4.62 22.99
C LEU A 266 -3.08 -5.84 22.08
N GLN A 267 -2.81 -7.00 22.68
CA GLN A 267 -2.69 -8.24 21.94
C GLN A 267 -4.08 -8.80 21.63
N PRO A 268 -4.36 -9.13 20.37
CA PRO A 268 -5.68 -9.68 20.03
C PRO A 268 -5.91 -11.03 20.69
N GLU A 269 -7.18 -11.43 20.75
CA GLU A 269 -7.55 -12.66 21.44
C GLU A 269 -6.91 -13.88 20.79
N TYR A 270 -6.86 -13.92 19.46
CA TYR A 270 -6.37 -15.06 18.71
C TYR A 270 -5.04 -14.74 18.03
N CYS A 271 -4.16 -14.05 18.75
CA CYS A 271 -2.82 -13.78 18.26
C CYS A 271 -1.82 -14.66 19.02
N PRO A 272 -1.08 -15.52 18.34
CA PRO A 272 -0.04 -16.29 19.03
C PRO A 272 0.98 -15.36 19.68
N ASP A 273 1.48 -15.78 20.85
CA ASP A 273 2.36 -14.93 21.63
C ASP A 273 3.63 -14.51 20.89
N PRO A 274 4.34 -15.39 20.15
CA PRO A 274 5.51 -14.91 19.41
C PRO A 274 5.18 -13.85 18.37
N LEU A 275 3.95 -13.85 17.84
CA LEU A 275 3.58 -12.84 16.86
C LEU A 275 3.37 -11.47 17.50
N TYR A 276 2.80 -11.45 18.71
CA TYR A 276 2.64 -10.19 19.42
C TYR A 276 3.99 -9.60 19.81
N GLU A 277 4.98 -10.45 20.08
CA GLU A 277 6.31 -9.95 20.40
C GLU A 277 6.96 -9.30 19.18
N VAL A 278 6.68 -9.79 17.98
CA VAL A 278 7.19 -9.16 16.78
C VAL A 278 6.57 -7.78 16.59
N MET A 279 5.29 -7.63 16.92
CA MET A 279 4.65 -6.33 16.82
C MET A 279 5.21 -5.35 17.85
N LEU A 280 5.53 -5.85 19.05
CA LEU A 280 6.13 -4.98 20.06
C LEU A 280 7.54 -4.55 19.66
N LYS A 281 8.28 -5.39 18.95
CA LYS A 281 9.59 -5.00 18.44
C LYS A 281 9.47 -3.91 17.39
N CYS A 282 8.36 -3.88 16.64
CA CYS A 282 8.18 -2.89 15.59
C CYS A 282 7.88 -1.51 16.14
N TRP A 283 7.45 -1.41 17.40
CA TRP A 283 6.99 -0.15 17.97
C TRP A 283 7.97 0.41 19.01
N HIS A 284 9.25 0.08 18.89
CA HIS A 284 10.21 0.54 19.88
C HIS A 284 10.41 2.05 19.75
N PRO A 285 10.55 2.76 20.88
CA PRO A 285 10.70 4.22 20.82
C PRO A 285 11.84 4.70 19.91
N LYS A 286 12.98 4.02 19.94
CA LYS A 286 14.09 4.37 19.05
C LYS A 286 13.88 3.69 17.71
N ALA A 287 13.84 4.49 16.64
CA ALA A 287 13.71 3.93 15.29
C ALA A 287 14.83 2.95 15.00
N GLU A 288 16.05 3.25 15.49
CA GLU A 288 17.17 2.36 15.26
C GLU A 288 16.92 0.99 15.88
N MET A 289 16.40 0.95 17.10
CA MET A 289 16.23 -0.31 17.83
C MET A 289 15.26 -1.27 17.15
N ARG A 290 14.52 -0.84 16.13
CA ARG A 290 13.54 -1.70 15.48
C ARG A 290 14.21 -2.69 14.54
N PRO A 291 13.57 -3.83 14.30
CA PRO A 291 14.16 -4.81 13.37
C PRO A 291 14.07 -4.33 11.93
N SER A 292 14.93 -4.91 11.10
CA SER A 292 14.84 -4.69 9.67
C SER A 292 13.79 -5.62 9.06
N PHE A 293 13.42 -5.33 7.80
CA PHE A 293 12.46 -6.19 7.12
C PHE A 293 13.07 -7.56 6.82
N SER A 294 14.40 -7.62 6.65
CA SER A 294 15.05 -8.91 6.50
C SER A 294 14.92 -9.75 7.77
N GLU A 295 15.09 -9.13 8.94
CA GLU A 295 14.88 -9.84 10.20
C GLU A 295 13.42 -10.24 10.37
N LEU A 296 12.49 -9.41 9.88
CA LEU A 296 11.08 -9.75 10.00
C LEU A 296 10.70 -10.94 9.12
N VAL A 297 11.33 -11.07 7.96
CA VAL A 297 11.06 -12.22 7.10
C VAL A 297 11.52 -13.51 7.78
N SER A 298 12.65 -13.46 8.49
CA SER A 298 13.15 -14.65 9.18
C SER A 298 12.24 -15.04 10.34
N ARG A 299 11.78 -14.06 11.13
CA ARG A 299 11.03 -14.37 12.33
C ARG A 299 9.61 -14.82 12.02
N ILE A 300 8.98 -14.21 11.02
CA ILE A 300 7.59 -14.54 10.73
C ILE A 300 7.48 -15.91 10.08
N SER A 301 8.45 -16.25 9.24
CA SER A 301 8.47 -17.54 8.59
C SER A 301 8.58 -18.67 9.57
N ALA A 302 9.32 -18.45 10.65
CA ALA A 302 9.49 -19.49 11.63
C ALA A 302 8.21 -19.76 12.34
N ILE A 303 7.46 -18.73 12.68
CA ILE A 303 6.17 -18.90 13.30
C ILE A 303 5.23 -19.63 12.35
N PHE A 304 5.25 -19.30 11.06
CA PHE A 304 4.39 -19.93 10.07
C PHE A 304 4.61 -21.40 9.93
N SER A 305 5.84 -21.83 10.02
CA SER A 305 6.16 -23.22 9.80
C SER A 305 6.02 -24.14 10.99
N THR A 306 5.50 -23.65 12.10
CA THR A 306 5.44 -24.47 13.29
C THR A 306 4.09 -24.21 13.95
N PHE A 307 3.92 -24.64 15.20
CA PHE A 307 2.67 -24.50 15.97
C PHE A 307 2.22 -25.94 16.17
C15 KGL B . -8.12 0.61 -1.85
C17 KGL B . -8.68 -0.09 -4.08
C20 KGL B . -5.17 0.35 -2.76
C21 KGL B . -3.92 0.52 -3.41
C22 KGL B . -3.87 0.79 -4.79
C26 KGL B . -5.05 1.17 -6.90
C28 KGL B . -5.49 -1.13 -8.10
C01 KGL B . -11.59 -3.29 -5.77
C02 KGL B . -10.93 -3.99 -6.84
C03 KGL B . -11.77 -5.07 -7.16
C06 KGL B . -13.71 -3.52 -4.58
C07 KGL B . -13.07 -3.59 -3.21
C08 KGL B . -14.08 -3.15 -2.07
C09 KGL B . -13.74 -1.70 -1.57
C11 KGL B . -11.86 -0.12 -2.12
C12 KGL B . -10.39 0.07 -2.42
C14 KGL B . -9.45 0.48 -1.48
C16 KGL B . -7.74 0.33 -3.14
C18 KGL B . -9.99 -0.23 -3.72
C19 KGL B . -6.32 0.46 -3.61
C27 KGL B . -4.56 0.08 -7.89
C29 KGL B . -5.00 -2.14 -8.94
C30 KGL B . -5.77 -3.27 -9.17
C31 KGL B . -7.05 -3.37 -8.57
C32 KGL B . -7.53 -2.38 -7.76
C33 KGL B . -6.73 -1.22 -7.50
C35 KGL B . -8.98 -4.66 -8.29
C36 KGL B . -9.54 -3.69 -7.44
C37 KGL B . -8.83 -2.52 -7.14
C38 KGL B . -9.85 0.81 -0.02
F39 KGL B . -10.20 -0.31 0.65
F40 KGL B . -8.80 1.41 0.58
F41 KGL B . -10.89 1.66 -0.01
N04 KGL B . -12.85 -4.98 -6.38
N05 KGL B . -12.73 -3.92 -5.56
N10 KGL B . -12.34 -1.47 -1.85
N23 KGL B . -4.99 0.87 -5.48
N24 KGL B . -6.17 0.73 -4.90
N34 KGL B . -7.79 -4.48 -8.82
O13 KGL B . -12.61 0.79 -2.12
O25 KGL B . -2.84 0.94 -5.30
#